data_6U10
#
_entry.id   6U10
#
_cell.length_a   104.537
_cell.length_b   104.537
_cell.length_c   98.723
_cell.angle_alpha   90.000
_cell.angle_beta   90.000
_cell.angle_gamma   120.000
#
_symmetry.space_group_name_H-M   'P 64 2 2'
#
loop_
_entity.id
_entity.type
_entity.pdbx_description
1 polymer 'Putative metallo-beta-lactamase l1 (Beta-lactamase type ii) (Ec 3.5.2.6) (Penicillinase)'
2 non-polymer 'ZINC ION'
3 non-polymer L-CAPTOPRIL
4 non-polymer 'FORMIC ACID'
5 non-polymer 1,2-ETHANEDIOL
6 water water
#
_entity_poly.entity_id   1
_entity_poly.type   'polypeptide(L)'
_entity_poly.pdbx_seq_one_letter_code
;SNASAAEAPLPQLRAYTVDASWLQPMAPLQVADHTWQIGTEDLTALLVQTAEGAVLLDGGMPQMAGHLLDNMKLRGVAPQ
DLRLILLSHAHADHAGPVAELKRRTGAHVAANAETAVLLARGGSNDLHFGDGITYPPASADRIIMDGEVVTVGGIAFTAH
FMPGHTPGSTAWTWTDTRDGKPVRIAYADSLSAPGYQLKGNPRYPRLIEDYKRSFATVRALPCDLLLTPHPGASNWNYAV
GSKASAEALTCNAYADAAEKKFDAQLARETAGTR
;
_entity_poly.pdbx_strand_id   A
#
# COMPACT_ATOMS: atom_id res chain seq x y z
N ALA A 6 46.42 0.93 -7.74
CA ALA A 6 45.07 1.36 -8.09
C ALA A 6 44.03 0.63 -7.26
N GLU A 7 43.66 1.21 -6.13
CA GLU A 7 42.74 0.55 -5.21
C GLU A 7 41.29 0.96 -5.47
N ALA A 8 40.38 0.09 -5.06
CA ALA A 8 38.97 0.27 -5.39
C ALA A 8 38.42 1.54 -4.76
N PRO A 9 37.71 2.38 -5.51
CA PRO A 9 36.94 3.45 -4.89
C PRO A 9 35.73 2.87 -4.18
N LEU A 10 35.11 3.70 -3.34
CA LEU A 10 33.84 3.30 -2.75
C LEU A 10 32.81 3.07 -3.86
N PRO A 11 31.85 2.19 -3.65
CA PRO A 11 30.87 1.89 -4.71
C PRO A 11 29.98 3.09 -4.98
N GLN A 12 29.50 3.17 -6.22
CA GLN A 12 28.50 4.18 -6.56
C GLN A 12 27.18 3.85 -5.87
N LEU A 13 26.37 4.89 -5.64
CA LEU A 13 25.01 4.67 -5.20
C LEU A 13 24.27 3.83 -6.24
N ARG A 14 23.38 2.97 -5.76
N ARG A 14 23.36 2.98 -5.76
CA ARG A 14 22.57 2.10 -6.60
CA ARG A 14 22.57 2.10 -6.60
C ARG A 14 21.12 2.54 -6.53
C ARG A 14 21.11 2.51 -6.53
N ALA A 15 20.51 2.73 -7.70
CA ALA A 15 19.10 3.12 -7.75
C ALA A 15 18.21 1.93 -7.44
N TYR A 16 17.03 2.24 -6.91
CA TYR A 16 15.98 1.25 -6.68
C TYR A 16 15.29 1.00 -8.01
N THR A 17 15.62 -0.11 -8.66
CA THR A 17 15.05 -0.49 -9.93
C THR A 17 14.05 -1.63 -9.74
N VAL A 18 13.02 -1.63 -10.58
CA VAL A 18 11.88 -2.53 -10.42
C VAL A 18 11.50 -3.13 -11.77
N ASP A 19 10.69 -4.18 -11.71
CA ASP A 19 10.21 -4.80 -12.94
C ASP A 19 9.43 -3.78 -13.77
N ALA A 20 9.55 -3.91 -15.09
CA ALA A 20 8.93 -2.94 -16.01
C ALA A 20 7.43 -2.85 -15.78
N SER A 21 6.76 -3.96 -15.45
CA SER A 21 5.31 -3.93 -15.28
C SER A 21 4.90 -3.05 -14.11
N TRP A 22 5.77 -2.90 -13.11
CA TRP A 22 5.48 -2.01 -11.99
C TRP A 22 5.44 -0.56 -12.42
N LEU A 23 6.05 -0.24 -13.56
CA LEU A 23 6.13 1.11 -14.09
C LEU A 23 5.31 1.27 -15.36
N GLN A 24 4.44 0.31 -15.68
CA GLN A 24 3.71 0.34 -16.94
C GLN A 24 2.38 1.06 -16.73
N PRO A 25 2.19 2.26 -17.28
CA PRO A 25 0.94 2.98 -17.04
C PRO A 25 -0.28 2.23 -17.56
N MET A 26 -1.41 2.42 -16.87
CA MET A 26 -2.70 1.91 -17.32
C MET A 26 -3.74 3.00 -17.16
N ALA A 27 -4.79 2.91 -17.97
CA ALA A 27 -5.94 3.78 -17.84
C ALA A 27 -6.72 3.42 -16.58
N PRO A 28 -7.57 4.33 -16.08
CA PRO A 28 -8.36 4.01 -14.89
C PRO A 28 -9.22 2.77 -15.08
N LEU A 29 -9.19 1.89 -14.09
CA LEU A 29 -9.97 0.66 -14.08
C LEU A 29 -10.97 0.71 -12.92
N GLN A 30 -12.26 0.64 -13.23
CA GLN A 30 -13.26 0.80 -12.19
C GLN A 30 -13.35 -0.44 -11.31
N VAL A 31 -13.29 -0.24 -10.00
CA VAL A 31 -13.38 -1.31 -9.02
C VAL A 31 -14.77 -1.39 -8.39
N ALA A 32 -15.37 -0.23 -8.10
CA ALA A 32 -16.75 -0.12 -7.66
C ALA A 32 -17.24 1.27 -8.07
N ASP A 33 -18.44 1.65 -7.61
CA ASP A 33 -19.10 2.84 -8.16
C ASP A 33 -18.21 4.08 -8.05
N HIS A 34 -17.50 4.23 -6.92
N HIS A 34 -17.45 4.22 -6.97
CA HIS A 34 -16.66 5.39 -6.60
CA HIS A 34 -16.63 5.41 -6.88
C HIS A 34 -15.16 5.12 -6.67
C HIS A 34 -15.18 5.08 -6.53
N THR A 35 -14.74 3.87 -6.86
CA THR A 35 -13.36 3.45 -6.60
C THR A 35 -12.70 2.97 -7.89
N TRP A 36 -11.51 3.50 -8.17
CA TRP A 36 -10.80 3.21 -9.40
C TRP A 36 -9.33 2.91 -9.13
N GLN A 37 -8.80 1.90 -9.82
CA GLN A 37 -7.36 1.67 -9.87
C GLN A 37 -6.76 2.61 -10.93
N ILE A 38 -5.83 3.46 -10.51
CA ILE A 38 -5.28 4.48 -11.41
C ILE A 38 -3.76 4.45 -11.45
N GLY A 39 -3.16 3.39 -10.90
CA GLY A 39 -1.71 3.26 -10.90
C GLY A 39 -1.17 2.60 -12.15
N THR A 40 -0.27 1.65 -11.98
CA THR A 40 0.33 0.92 -13.08
C THR A 40 -0.22 -0.50 -13.10
N GLU A 41 0.20 -1.27 -14.10
CA GLU A 41 -0.29 -2.64 -14.23
C GLU A 41 -0.01 -3.45 -12.96
N ASP A 42 1.13 -3.20 -12.30
CA ASP A 42 1.54 -4.04 -11.19
C ASP A 42 1.72 -3.28 -9.87
N LEU A 43 1.25 -2.05 -9.77
CA LEU A 43 1.24 -1.35 -8.49
C LEU A 43 -0.10 -0.65 -8.31
N THR A 44 -0.74 -0.91 -7.17
CA THR A 44 -2.06 -0.36 -6.89
C THR A 44 -1.96 1.10 -6.47
N ALA A 45 -2.87 1.92 -6.99
CA ALA A 45 -3.10 3.26 -6.49
C ALA A 45 -4.59 3.50 -6.66
N LEU A 46 -5.34 3.56 -5.57
CA LEU A 46 -6.80 3.60 -5.63
C LEU A 46 -7.29 5.03 -5.46
N LEU A 47 -8.13 5.47 -6.40
CA LEU A 47 -8.78 6.77 -6.31
C LEU A 47 -10.23 6.53 -5.89
N VAL A 48 -10.66 7.17 -4.81
CA VAL A 48 -12.05 7.12 -4.38
C VAL A 48 -12.63 8.51 -4.52
N GLN A 49 -13.65 8.64 -5.36
CA GLN A 49 -14.18 9.94 -5.75
C GLN A 49 -15.48 10.21 -5.01
N THR A 50 -15.54 11.33 -4.30
CA THR A 50 -16.73 11.72 -3.56
C THR A 50 -17.25 13.05 -4.08
N ALA A 51 -18.44 13.42 -3.61
CA ALA A 51 -18.99 14.71 -4.01
C ALA A 51 -18.21 15.90 -3.44
N GLU A 52 -17.30 15.66 -2.48
CA GLU A 52 -16.56 16.73 -1.83
C GLU A 52 -15.05 16.55 -1.96
N GLY A 53 -14.61 15.90 -3.03
CA GLY A 53 -13.20 15.70 -3.28
C GLY A 53 -12.85 14.22 -3.30
N ALA A 54 -11.58 13.96 -3.63
CA ALA A 54 -11.12 12.61 -3.85
C ALA A 54 -10.11 12.18 -2.79
N VAL A 55 -10.04 10.87 -2.60
CA VAL A 55 -9.07 10.22 -1.73
C VAL A 55 -8.18 9.35 -2.61
N LEU A 56 -6.87 9.37 -2.34
CA LEU A 56 -5.93 8.47 -2.99
C LEU A 56 -5.36 7.53 -1.94
N LEU A 57 -5.45 6.23 -2.19
CA LEU A 57 -4.83 5.21 -1.33
C LEU A 57 -3.64 4.64 -2.09
N ASP A 58 -2.43 5.01 -1.65
CA ASP A 58 -1.14 4.69 -2.27
C ASP A 58 -0.91 5.43 -3.59
N GLY A 59 0.35 5.62 -3.92
CA GLY A 59 0.67 6.25 -5.19
C GLY A 59 1.68 5.48 -6.01
N GLY A 60 2.22 4.40 -5.47
CA GLY A 60 3.20 3.64 -6.23
C GLY A 60 4.62 4.19 -6.09
N MET A 61 5.37 4.16 -7.19
CA MET A 61 6.76 4.57 -7.24
C MET A 61 6.87 6.09 -7.38
N PRO A 62 8.02 6.67 -7.02
CA PRO A 62 8.17 8.13 -7.12
C PRO A 62 7.89 8.68 -8.51
N GLN A 63 8.25 7.93 -9.55
CA GLN A 63 8.08 8.47 -10.89
C GLN A 63 6.63 8.41 -11.39
N MET A 64 5.70 7.91 -10.58
CA MET A 64 4.30 7.79 -10.98
C MET A 64 3.46 9.03 -10.75
N ALA A 65 4.03 10.10 -10.18
CA ALA A 65 3.22 11.26 -9.80
C ALA A 65 2.45 11.84 -10.99
N GLY A 66 3.14 12.08 -12.11
CA GLY A 66 2.48 12.68 -13.26
C GLY A 66 1.38 11.80 -13.83
N HIS A 67 1.64 10.49 -13.92
CA HIS A 67 0.64 9.57 -14.42
C HIS A 67 -0.60 9.56 -13.53
N LEU A 68 -0.42 9.56 -12.20
CA LEU A 68 -1.57 9.61 -11.31
C LEU A 68 -2.39 10.86 -11.55
N LEU A 69 -1.73 12.00 -11.70
CA LEU A 69 -2.46 13.24 -11.96
C LEU A 69 -3.19 13.18 -13.30
N ASP A 70 -2.56 12.56 -14.32
CA ASP A 70 -3.23 12.38 -15.61
C ASP A 70 -4.51 11.56 -15.44
N ASN A 71 -4.43 10.45 -14.72
CA ASN A 71 -5.60 9.60 -14.55
C ASN A 71 -6.67 10.28 -13.71
N MET A 72 -6.25 11.04 -12.69
CA MET A 72 -7.22 11.84 -11.94
C MET A 72 -7.98 12.77 -12.88
N LYS A 73 -7.26 13.43 -13.79
CA LYS A 73 -7.93 14.34 -14.73
C LYS A 73 -8.92 13.58 -15.62
N LEU A 74 -8.54 12.39 -16.09
CA LEU A 74 -9.49 11.58 -16.88
C LEU A 74 -10.75 11.26 -16.10
N ARG A 75 -10.64 11.14 -14.77
N ARG A 75 -10.62 11.19 -14.78
CA ARG A 75 -11.79 10.84 -13.93
CA ARG A 75 -11.68 10.87 -13.85
C ARG A 75 -12.57 12.09 -13.52
C ARG A 75 -12.47 12.09 -13.42
N GLY A 76 -12.14 13.27 -13.94
CA GLY A 76 -12.79 14.51 -13.57
C GLY A 76 -12.25 15.16 -12.32
N VAL A 77 -11.13 14.69 -11.81
CA VAL A 77 -10.54 15.17 -10.56
C VAL A 77 -9.37 16.06 -10.92
N ALA A 78 -9.51 17.37 -10.69
CA ALA A 78 -8.40 18.29 -10.86
C ALA A 78 -7.44 18.13 -9.69
N PRO A 79 -6.18 18.57 -9.84
CA PRO A 79 -5.23 18.43 -8.72
C PRO A 79 -5.75 18.93 -7.38
N GLN A 80 -6.36 20.12 -7.35
CA GLN A 80 -6.83 20.67 -6.08
C GLN A 80 -8.03 19.92 -5.52
N ASP A 81 -8.65 19.04 -6.29
CA ASP A 81 -9.75 18.22 -5.81
C ASP A 81 -9.29 17.03 -4.97
N LEU A 82 -8.00 16.70 -4.98
CA LEU A 82 -7.50 15.61 -4.15
C LEU A 82 -7.37 16.13 -2.72
N ARG A 83 -8.17 15.56 -1.81
CA ARG A 83 -8.23 16.03 -0.44
C ARG A 83 -7.31 15.28 0.49
N LEU A 84 -7.13 13.98 0.25
CA LEU A 84 -6.55 13.12 1.27
C LEU A 84 -5.76 12.00 0.61
N ILE A 85 -4.58 11.71 1.17
CA ILE A 85 -3.77 10.57 0.79
C ILE A 85 -3.67 9.64 1.99
N LEU A 86 -4.00 8.37 1.79
CA LEU A 86 -3.84 7.31 2.75
C LEU A 86 -2.82 6.31 2.20
N LEU A 87 -2.21 5.53 3.08
CA LEU A 87 -1.15 4.62 2.68
C LEU A 87 -1.33 3.24 3.29
N SER A 88 -0.96 2.22 2.52
CA SER A 88 -0.79 0.88 3.06
C SER A 88 0.47 0.82 3.91
N HIS A 89 1.63 1.08 3.29
CA HIS A 89 2.88 1.19 4.04
C HIS A 89 3.84 2.10 3.29
N ALA A 90 4.80 2.66 4.04
CA ALA A 90 5.65 3.73 3.51
C ALA A 90 6.97 3.22 2.91
N HIS A 91 6.87 2.23 2.02
CA HIS A 91 8.00 1.86 1.19
C HIS A 91 7.95 2.62 -0.13
N ALA A 92 9.10 2.68 -0.81
CA ALA A 92 9.25 3.55 -1.97
C ALA A 92 8.31 3.18 -3.11
N ASP A 93 7.91 1.91 -3.20
CA ASP A 93 7.03 1.46 -4.28
C ASP A 93 5.55 1.65 -3.98
N HIS A 94 5.20 2.26 -2.83
CA HIS A 94 3.81 2.58 -2.50
C HIS A 94 3.61 4.02 -2.09
N ALA A 95 4.57 4.61 -1.40
CA ALA A 95 4.52 6.00 -0.97
C ALA A 95 5.44 6.89 -1.79
N GLY A 96 6.04 6.34 -2.84
CA GLY A 96 7.05 7.03 -3.61
C GLY A 96 6.75 8.48 -3.99
N PRO A 97 5.56 8.74 -4.55
CA PRO A 97 5.28 10.09 -5.06
C PRO A 97 4.52 10.99 -4.09
N VAL A 98 4.40 10.60 -2.81
CA VAL A 98 3.56 11.35 -1.87
C VAL A 98 4.01 12.80 -1.74
N ALA A 99 5.32 13.04 -1.56
CA ALA A 99 5.80 14.40 -1.38
C ALA A 99 5.41 15.28 -2.56
N GLU A 100 5.64 14.76 -3.78
CA GLU A 100 5.31 15.52 -4.98
C GLU A 100 3.81 15.73 -5.10
N LEU A 101 3.01 14.70 -4.81
CA LEU A 101 1.56 14.87 -4.88
C LEU A 101 1.07 15.93 -3.92
N LYS A 102 1.61 15.94 -2.69
CA LYS A 102 1.22 16.98 -1.74
C LYS A 102 1.50 18.37 -2.28
N ARG A 103 2.68 18.56 -2.88
N ARG A 103 2.68 18.57 -2.88
CA ARG A 103 3.04 19.88 -3.39
CA ARG A 103 3.03 19.89 -3.39
C ARG A 103 2.15 20.30 -4.56
C ARG A 103 2.14 20.30 -4.56
N ARG A 104 1.72 19.34 -5.38
CA ARG A 104 0.97 19.66 -6.58
C ARG A 104 -0.53 19.68 -6.38
N THR A 105 -1.04 19.16 -5.25
CA THR A 105 -2.48 19.07 -5.03
C THR A 105 -2.97 19.78 -3.79
N GLY A 106 -2.12 20.00 -2.79
CA GLY A 106 -2.60 20.48 -1.52
C GLY A 106 -3.29 19.43 -0.66
N ALA A 107 -3.31 18.17 -1.09
CA ALA A 107 -3.85 17.10 -0.26
C ALA A 107 -3.09 17.01 1.07
N HIS A 108 -3.79 16.51 2.09
N HIS A 108 -3.77 16.48 2.08
CA HIS A 108 -3.17 16.13 3.35
CA HIS A 108 -3.09 16.15 3.33
C HIS A 108 -2.92 14.63 3.37
C HIS A 108 -3.04 14.64 3.52
N VAL A 109 -2.01 14.20 4.23
CA VAL A 109 -1.72 12.78 4.45
C VAL A 109 -2.18 12.41 5.85
N ALA A 110 -2.92 11.31 5.97
CA ALA A 110 -3.28 10.74 7.26
C ALA A 110 -2.63 9.37 7.37
N ALA A 111 -1.94 9.11 8.48
CA ALA A 111 -1.23 7.85 8.64
C ALA A 111 -0.98 7.62 10.12
N ASN A 112 -0.69 6.37 10.48
CA ASN A 112 -0.33 6.11 11.86
C ASN A 112 1.09 6.60 12.15
N ALA A 113 1.44 6.61 13.44
CA ALA A 113 2.72 7.17 13.86
C ALA A 113 3.90 6.45 13.23
N GLU A 114 3.84 5.11 13.15
CA GLU A 114 4.93 4.37 12.55
C GLU A 114 5.10 4.74 11.08
N THR A 115 3.99 4.81 10.34
CA THR A 115 4.08 5.19 8.93
C THR A 115 4.57 6.63 8.80
N ALA A 116 4.09 7.53 9.67
CA ALA A 116 4.53 8.92 9.63
C ALA A 116 6.05 9.04 9.80
N VAL A 117 6.63 8.30 10.76
CA VAL A 117 8.06 8.46 10.99
C VAL A 117 8.87 7.91 9.81
N LEU A 118 8.41 6.79 9.23
CA LEU A 118 9.14 6.23 8.08
C LEU A 118 9.02 7.14 6.87
N LEU A 119 7.82 7.67 6.63
CA LEU A 119 7.59 8.60 5.53
C LEU A 119 8.47 9.84 5.67
N ALA A 120 8.58 10.37 6.89
CA ALA A 120 9.40 11.57 7.10
C ALA A 120 10.88 11.29 6.90
N ARG A 121 11.32 10.03 7.00
CA ARG A 121 12.68 9.61 6.67
C ARG A 121 12.85 9.31 5.19
N GLY A 122 11.78 9.40 4.39
CA GLY A 122 11.91 8.98 3.01
C GLY A 122 12.26 7.52 2.86
N GLY A 123 11.85 6.68 3.80
CA GLY A 123 12.17 5.28 3.75
C GLY A 123 13.58 4.92 4.14
N SER A 124 14.42 5.91 4.50
CA SER A 124 15.77 5.60 4.92
C SER A 124 15.76 4.97 6.30
N ASN A 125 16.90 4.39 6.68
CA ASN A 125 17.02 3.67 7.95
C ASN A 125 15.87 2.68 8.16
N ASP A 126 15.50 2.00 7.08
CA ASP A 126 14.49 0.96 7.15
C ASP A 126 15.00 -0.18 8.04
N LEU A 127 14.08 -0.81 8.78
CA LEU A 127 14.48 -1.86 9.72
C LEU A 127 15.21 -3.01 9.02
N HIS A 128 14.88 -3.27 7.76
CA HIS A 128 15.44 -4.37 7.00
C HIS A 128 16.25 -3.94 5.79
N PHE A 129 15.88 -2.83 5.13
CA PHE A 129 16.53 -2.41 3.90
C PHE A 129 17.62 -1.38 4.13
N GLY A 130 17.75 -0.83 5.34
CA GLY A 130 18.70 0.26 5.54
C GLY A 130 18.35 1.45 4.69
N ASP A 131 19.33 1.94 3.91
CA ASP A 131 19.15 3.08 3.02
C ASP A 131 19.02 2.67 1.56
N GLY A 132 18.76 1.39 1.29
CA GLY A 132 18.77 0.93 -0.09
C GLY A 132 17.55 1.30 -0.91
N ILE A 133 16.41 1.58 -0.27
CA ILE A 133 15.14 1.78 -0.97
C ILE A 133 14.50 3.02 -0.38
N THR A 134 14.71 4.16 -1.02
CA THR A 134 14.31 5.45 -0.47
C THR A 134 13.56 6.28 -1.50
N TYR A 135 13.00 7.39 -1.02
CA TYR A 135 12.13 8.24 -1.82
C TYR A 135 12.06 9.60 -1.14
N PRO A 136 11.50 10.61 -1.81
CA PRO A 136 11.47 11.96 -1.19
C PRO A 136 10.62 11.97 0.07
N PRO A 137 11.16 12.48 1.18
CA PRO A 137 10.40 12.46 2.43
C PRO A 137 9.16 13.34 2.35
N ALA A 138 8.14 12.93 3.11
CA ALA A 138 6.92 13.71 3.24
C ALA A 138 6.43 13.64 4.68
N SER A 139 5.68 14.66 5.07
CA SER A 139 5.12 14.76 6.40
C SER A 139 3.67 14.29 6.40
N ALA A 140 3.28 13.60 7.46
CA ALA A 140 1.88 13.34 7.70
C ALA A 140 1.25 14.59 8.32
N ASP A 141 -0.02 14.81 8.01
CA ASP A 141 -0.75 15.94 8.55
C ASP A 141 -1.73 15.55 9.64
N ARG A 142 -2.12 14.28 9.70
CA ARG A 142 -3.02 13.76 10.70
C ARG A 142 -2.49 12.40 11.10
N ILE A 143 -2.34 12.17 12.40
CA ILE A 143 -1.95 10.86 12.91
C ILE A 143 -3.21 10.10 13.26
N ILE A 144 -3.32 8.87 12.79
CA ILE A 144 -4.50 8.06 13.06
C ILE A 144 -4.14 6.87 13.95
N MET A 145 -5.14 6.42 14.70
CA MET A 145 -5.04 5.30 15.62
C MET A 145 -5.75 4.07 15.04
N ASP A 146 -5.49 2.93 15.65
CA ASP A 146 -6.08 1.69 15.14
C ASP A 146 -7.60 1.75 15.28
N GLY A 147 -8.30 1.46 14.19
CA GLY A 147 -9.74 1.52 14.19
C GLY A 147 -10.33 2.89 13.94
N GLU A 148 -9.49 3.92 13.78
CA GLU A 148 -10.00 5.27 13.60
C GLU A 148 -10.61 5.42 12.21
N VAL A 149 -11.66 6.23 12.14
CA VAL A 149 -12.42 6.47 10.93
C VAL A 149 -12.06 7.84 10.38
N VAL A 150 -11.72 7.89 9.09
CA VAL A 150 -11.46 9.13 8.37
C VAL A 150 -12.50 9.24 7.28
N THR A 151 -13.19 10.39 7.22
CA THR A 151 -14.33 10.55 6.34
C THR A 151 -14.11 11.70 5.36
N VAL A 152 -14.35 11.44 4.08
CA VAL A 152 -14.31 12.45 3.03
C VAL A 152 -15.57 12.31 2.20
N GLY A 153 -16.31 13.42 2.05
CA GLY A 153 -17.52 13.39 1.23
C GLY A 153 -18.51 12.35 1.69
N GLY A 154 -18.57 12.09 3.01
CA GLY A 154 -19.45 11.10 3.56
C GLY A 154 -18.97 9.67 3.48
N ILE A 155 -17.88 9.38 2.76
CA ILE A 155 -17.35 8.03 2.68
C ILE A 155 -16.37 7.83 3.84
N ALA A 156 -16.65 6.83 4.67
CA ALA A 156 -15.86 6.55 5.86
C ALA A 156 -14.81 5.49 5.56
N PHE A 157 -13.55 5.81 5.84
CA PHE A 157 -12.43 4.88 5.70
C PHE A 157 -11.95 4.48 7.09
N THR A 158 -11.88 3.18 7.36
CA THR A 158 -11.46 2.69 8.68
C THR A 158 -10.08 2.06 8.57
N ALA A 159 -9.21 2.43 9.50
CA ALA A 159 -7.86 1.89 9.55
C ALA A 159 -7.81 0.66 10.43
N HIS A 160 -7.11 -0.37 9.95
CA HIS A 160 -6.89 -1.60 10.70
C HIS A 160 -5.39 -1.86 10.72
N PHE A 161 -4.74 -1.66 11.86
CA PHE A 161 -3.29 -1.86 11.90
C PHE A 161 -2.96 -3.34 11.73
N MET A 162 -1.98 -3.62 10.88
CA MET A 162 -1.52 -4.99 10.63
C MET A 162 -0.02 -4.98 10.52
N PRO A 163 0.68 -4.70 11.63
CA PRO A 163 2.14 -4.58 11.60
C PRO A 163 2.83 -5.87 11.20
N GLY A 164 3.97 -5.72 10.54
CA GLY A 164 4.81 -6.84 10.20
C GLY A 164 5.67 -6.46 9.01
N HIS A 165 5.05 -6.36 7.85
CA HIS A 165 5.79 -5.96 6.67
C HIS A 165 6.51 -4.63 6.89
N THR A 166 5.84 -3.68 7.51
CA THR A 166 6.45 -2.54 8.19
C THR A 166 5.73 -2.42 9.52
N PRO A 167 6.35 -1.75 10.50
CA PRO A 167 5.64 -1.53 11.78
C PRO A 167 4.32 -0.79 11.60
N GLY A 168 4.23 0.09 10.60
CA GLY A 168 3.03 0.88 10.40
C GLY A 168 2.07 0.34 9.37
N SER A 169 2.26 -0.89 8.90
CA SER A 169 1.39 -1.46 7.87
C SER A 169 -0.07 -1.39 8.30
N THR A 170 -0.92 -0.93 7.37
CA THR A 170 -2.33 -0.66 7.67
C THR A 170 -3.19 -1.21 6.54
N ALA A 171 -4.31 -1.83 6.91
CA ALA A 171 -5.39 -2.13 5.97
C ALA A 171 -6.45 -1.04 6.09
N TRP A 172 -7.01 -0.63 4.96
CA TRP A 172 -8.07 0.36 4.93
C TRP A 172 -9.34 -0.28 4.39
N THR A 173 -10.47 -0.04 5.07
CA THR A 173 -11.75 -0.55 4.62
C THR A 173 -12.76 0.57 4.41
N TRP A 174 -13.62 0.38 3.41
CA TRP A 174 -14.73 1.28 3.16
C TRP A 174 -15.78 0.52 2.40
N THR A 175 -17.01 1.04 2.40
CA THR A 175 -18.12 0.41 1.71
C THR A 175 -18.53 1.28 0.54
N ASP A 176 -18.33 0.77 -0.66
CA ASP A 176 -18.78 1.37 -1.90
C ASP A 176 -20.05 0.65 -2.32
N THR A 177 -20.47 0.87 -3.56
CA THR A 177 -21.66 0.20 -4.10
C THR A 177 -21.39 -0.30 -5.50
N ARG A 178 -22.22 -1.24 -5.93
CA ARG A 178 -22.26 -1.68 -7.32
C ARG A 178 -23.62 -2.35 -7.54
N ASP A 179 -24.29 -1.99 -8.64
CA ASP A 179 -25.61 -2.54 -8.96
C ASP A 179 -26.59 -2.37 -7.81
N GLY A 180 -26.50 -1.23 -7.12
CA GLY A 180 -27.39 -0.93 -6.01
C GLY A 180 -27.09 -1.66 -4.72
N LYS A 181 -26.04 -2.47 -4.68
CA LYS A 181 -25.74 -3.26 -3.50
C LYS A 181 -24.42 -2.81 -2.89
N PRO A 182 -24.27 -2.93 -1.57
CA PRO A 182 -23.01 -2.54 -0.95
C PRO A 182 -21.89 -3.50 -1.32
N VAL A 183 -20.69 -2.93 -1.46
CA VAL A 183 -19.47 -3.70 -1.69
C VAL A 183 -18.49 -3.27 -0.62
N ARG A 184 -18.22 -4.13 0.34
CA ARG A 184 -17.26 -3.85 1.40
C ARG A 184 -15.86 -4.10 0.84
N ILE A 185 -15.11 -3.02 0.59
CA ILE A 185 -13.78 -3.13 0.01
C ILE A 185 -12.78 -3.18 1.14
N ALA A 186 -11.82 -4.10 1.04
CA ALA A 186 -10.71 -4.17 1.98
C ALA A 186 -9.41 -4.03 1.18
N TYR A 187 -8.67 -2.97 1.44
CA TYR A 187 -7.36 -2.75 0.85
C TYR A 187 -6.36 -3.18 1.92
N ALA A 188 -5.94 -4.44 1.86
CA ALA A 188 -5.09 -5.00 2.89
C ALA A 188 -3.63 -4.86 2.47
N ASP A 189 -2.79 -4.53 3.44
CA ASP A 189 -1.38 -4.33 3.15
C ASP A 189 -0.68 -5.66 2.89
N SER A 190 0.57 -5.54 2.42
CA SER A 190 1.44 -6.68 2.22
C SER A 190 1.65 -7.47 3.51
N LEU A 191 1.76 -8.79 3.37
CA LEU A 191 2.09 -9.70 4.46
C LEU A 191 3.40 -10.45 4.17
N SER A 192 4.17 -9.98 3.20
CA SER A 192 5.45 -10.58 2.84
C SER A 192 6.54 -10.12 3.81
N ALA A 193 7.65 -10.87 3.82
CA ALA A 193 8.81 -10.53 4.63
C ALA A 193 10.07 -10.67 3.78
N PRO A 194 10.21 -9.86 2.72
CA PRO A 194 11.20 -10.14 1.68
C PRO A 194 12.64 -9.95 2.12
N GLY A 195 13.35 -11.06 2.33
CA GLY A 195 14.71 -11.00 2.80
C GLY A 195 14.86 -10.64 4.26
N TYR A 196 13.78 -10.61 5.02
CA TYR A 196 13.83 -10.17 6.41
C TYR A 196 14.42 -11.25 7.30
N GLN A 197 15.22 -10.83 8.28
CA GLN A 197 15.55 -11.71 9.40
C GLN A 197 14.36 -11.71 10.34
N LEU A 198 13.70 -12.88 10.46
CA LEU A 198 12.48 -12.96 11.25
C LEU A 198 12.73 -13.18 12.73
N LYS A 199 13.70 -14.02 13.07
CA LYS A 199 13.93 -14.46 14.44
C LYS A 199 15.00 -13.61 15.11
N GLY A 200 14.73 -13.19 16.34
CA GLY A 200 15.73 -12.48 17.12
C GLY A 200 16.27 -11.25 16.42
N ASN A 201 15.42 -10.54 15.69
CA ASN A 201 15.88 -9.35 14.98
C ASN A 201 15.99 -8.21 15.97
N PRO A 202 17.19 -7.68 16.21
CA PRO A 202 17.32 -6.64 17.26
C PRO A 202 16.54 -5.38 16.95
N ARG A 203 16.30 -5.08 15.67
CA ARG A 203 15.53 -3.90 15.30
C ARG A 203 14.02 -4.14 15.30
N TYR A 204 13.58 -5.39 15.42
CA TYR A 204 12.15 -5.71 15.46
C TYR A 204 11.96 -6.97 16.29
N PRO A 205 12.12 -6.87 17.61
CA PRO A 205 12.13 -8.09 18.45
C PRO A 205 10.83 -8.89 18.43
N ARG A 206 9.68 -8.25 18.25
N ARG A 206 9.69 -8.24 18.26
CA ARG A 206 8.40 -8.94 18.26
CA ARG A 206 8.40 -8.91 18.27
C ARG A 206 7.83 -9.13 16.86
C ARG A 206 7.84 -9.12 16.86
N LEU A 207 8.72 -9.17 15.85
CA LEU A 207 8.29 -9.31 14.47
C LEU A 207 7.35 -10.50 14.27
N ILE A 208 7.72 -11.68 14.78
CA ILE A 208 6.93 -12.88 14.52
C ILE A 208 5.55 -12.75 15.15
N GLU A 209 5.51 -12.26 16.38
CA GLU A 209 4.24 -12.07 17.08
C GLU A 209 3.35 -11.08 16.31
N ASP A 210 3.94 -10.02 15.77
CA ASP A 210 3.15 -9.05 15.02
C ASP A 210 2.59 -9.64 13.73
N TYR A 211 3.41 -10.36 12.97
CA TYR A 211 2.89 -11.00 11.76
C TYR A 211 1.76 -11.97 12.10
N LYS A 212 1.92 -12.75 13.17
CA LYS A 212 0.91 -13.74 13.51
C LYS A 212 -0.41 -13.07 13.85
N ARG A 213 -0.37 -11.97 14.62
N ARG A 213 -0.35 -11.97 14.61
CA ARG A 213 -1.59 -11.23 14.89
CA ARG A 213 -1.57 -11.21 14.89
C ARG A 213 -2.15 -10.63 13.59
C ARG A 213 -2.13 -10.58 13.63
N SER A 214 -1.27 -10.18 12.70
CA SER A 214 -1.74 -9.52 11.48
C SER A 214 -2.44 -10.50 10.53
N PHE A 215 -2.00 -11.75 10.47
CA PHE A 215 -2.78 -12.73 9.71
C PHE A 215 -4.21 -12.81 10.23
N ALA A 216 -4.37 -12.81 11.56
CA ALA A 216 -5.71 -12.86 12.14
C ALA A 216 -6.49 -11.60 11.83
N THR A 217 -5.84 -10.44 11.90
CA THR A 217 -6.52 -9.19 11.60
C THR A 217 -7.06 -9.19 10.18
N VAL A 218 -6.25 -9.67 9.23
CA VAL A 218 -6.70 -9.72 7.83
C VAL A 218 -7.89 -10.66 7.66
N ARG A 219 -7.83 -11.84 8.30
CA ARG A 219 -8.96 -12.79 8.21
C ARG A 219 -10.25 -12.16 8.69
N ALA A 220 -10.18 -11.24 9.64
CA ALA A 220 -11.36 -10.66 10.27
C ALA A 220 -11.88 -9.40 9.59
N LEU A 221 -11.23 -8.93 8.51
CA LEU A 221 -11.65 -7.69 7.89
C LEU A 221 -13.03 -7.84 7.24
N PRO A 222 -13.87 -6.81 7.29
CA PRO A 222 -15.07 -6.79 6.45
C PRO A 222 -14.64 -6.73 4.99
N CYS A 223 -15.06 -7.72 4.20
CA CYS A 223 -14.38 -7.93 2.93
C CYS A 223 -15.29 -8.67 1.93
N ASP A 224 -16.00 -7.90 1.10
CA ASP A 224 -16.57 -8.47 -0.11
C ASP A 224 -15.60 -8.48 -1.27
N LEU A 225 -14.64 -7.56 -1.27
CA LEU A 225 -13.67 -7.48 -2.37
C LEU A 225 -12.33 -7.04 -1.79
N LEU A 226 -11.32 -7.87 -1.95
CA LEU A 226 -9.99 -7.63 -1.43
C LEU A 226 -9.12 -7.07 -2.55
N LEU A 227 -8.35 -6.02 -2.22
CA LEU A 227 -7.28 -5.52 -3.08
C LEU A 227 -6.01 -5.39 -2.24
N THR A 228 -4.86 -5.45 -2.91
CA THR A 228 -3.57 -5.40 -2.23
C THR A 228 -2.61 -4.48 -2.98
N PRO A 229 -1.63 -3.89 -2.27
CA PRO A 229 -0.70 -2.96 -2.94
C PRO A 229 0.02 -3.56 -4.13
N HIS A 230 0.48 -4.82 -4.02
CA HIS A 230 0.92 -5.58 -5.16
C HIS A 230 -0.27 -6.43 -5.60
N PRO A 231 -0.88 -6.14 -6.76
CA PRO A 231 -2.15 -6.81 -7.10
C PRO A 231 -2.03 -8.31 -7.20
N GLY A 232 -0.87 -8.81 -7.61
CA GLY A 232 -0.69 -10.25 -7.70
C GLY A 232 -0.84 -10.96 -6.38
N ALA A 233 -0.60 -10.27 -5.25
CA ALA A 233 -0.70 -10.92 -3.95
C ALA A 233 -2.12 -11.35 -3.65
N SER A 234 -3.11 -10.67 -4.22
CA SER A 234 -4.51 -11.06 -4.07
C SER A 234 -5.10 -11.59 -5.37
N ASN A 235 -4.26 -11.94 -6.34
N ASN A 235 -4.24 -11.92 -6.34
CA ASN A 235 -4.67 -12.59 -7.58
CA ASN A 235 -4.63 -12.58 -7.59
C ASN A 235 -5.47 -11.68 -8.52
C ASN A 235 -5.43 -11.69 -8.52
N TRP A 236 -5.25 -10.37 -8.42
CA TRP A 236 -5.77 -9.45 -9.43
C TRP A 236 -4.85 -9.43 -10.64
N ASN A 237 -5.43 -9.11 -11.80
CA ASN A 237 -4.66 -8.89 -13.02
C ASN A 237 -5.20 -7.62 -13.68
N TYR A 238 -4.63 -6.46 -13.30
CA TYR A 238 -5.17 -5.19 -13.79
C TYR A 238 -5.12 -5.09 -15.32
N ALA A 239 -4.22 -5.82 -15.97
CA ALA A 239 -4.07 -5.64 -17.41
C ALA A 239 -5.24 -6.21 -18.21
N VAL A 240 -6.08 -7.05 -17.62
CA VAL A 240 -7.19 -7.67 -18.35
C VAL A 240 -8.52 -6.97 -18.10
N GLY A 241 -8.50 -5.72 -17.66
CA GLY A 241 -9.70 -4.90 -17.70
C GLY A 241 -10.85 -5.46 -16.88
N SER A 242 -11.98 -5.72 -17.53
CA SER A 242 -13.19 -6.13 -16.82
C SER A 242 -13.07 -7.51 -16.17
N LYS A 243 -12.06 -8.30 -16.53
CA LYS A 243 -11.80 -9.56 -15.86
C LYS A 243 -10.72 -9.44 -14.79
N ALA A 244 -10.28 -8.22 -14.47
CA ALA A 244 -9.14 -8.05 -13.57
C ALA A 244 -9.39 -8.68 -12.21
N SER A 245 -10.63 -8.61 -11.71
CA SER A 245 -10.96 -9.07 -10.37
C SER A 245 -11.40 -10.53 -10.31
N ALA A 246 -11.46 -11.21 -11.46
CA ALA A 246 -12.15 -12.51 -11.52
C ALA A 246 -11.56 -13.51 -10.54
N GLU A 247 -10.24 -13.59 -10.46
CA GLU A 247 -9.56 -14.59 -9.65
C GLU A 247 -9.19 -14.09 -8.26
N ALA A 248 -9.62 -12.89 -7.89
CA ALA A 248 -9.21 -12.29 -6.62
C ALA A 248 -9.50 -13.21 -5.45
N LEU A 249 -8.55 -13.25 -4.51
CA LEU A 249 -8.66 -14.03 -3.30
C LEU A 249 -9.62 -13.36 -2.32
N THR A 250 -10.18 -14.18 -1.43
CA THR A 250 -10.80 -13.64 -0.22
C THR A 250 -9.71 -13.22 0.78
N CYS A 251 -10.12 -12.46 1.79
CA CYS A 251 -9.19 -12.13 2.87
C CYS A 251 -8.71 -13.38 3.59
N ASN A 252 -9.60 -14.34 3.82
CA ASN A 252 -9.19 -15.61 4.44
C ASN A 252 -8.10 -16.29 3.61
N ALA A 253 -8.29 -16.37 2.30
CA ALA A 253 -7.33 -17.07 1.46
C ALA A 253 -6.01 -16.31 1.37
N TYR A 254 -6.08 -14.97 1.31
CA TYR A 254 -4.86 -14.17 1.28
C TYR A 254 -4.06 -14.36 2.56
N ALA A 255 -4.73 -14.30 3.71
CA ALA A 255 -4.05 -14.51 4.98
C ALA A 255 -3.45 -15.90 5.06
N ASP A 256 -4.19 -16.92 4.60
CA ASP A 256 -3.71 -18.28 4.67
C ASP A 256 -2.47 -18.48 3.82
N ALA A 257 -2.49 -17.98 2.58
CA ALA A 257 -1.33 -18.08 1.71
C ALA A 257 -0.12 -17.36 2.32
N ALA A 258 -0.35 -16.17 2.86
CA ALA A 258 0.76 -15.42 3.46
C ALA A 258 1.32 -16.12 4.68
N GLU A 259 0.45 -16.73 5.49
CA GLU A 259 0.93 -17.41 6.69
C GLU A 259 1.72 -18.66 6.33
N LYS A 260 1.26 -19.43 5.34
CA LYS A 260 2.01 -20.60 4.92
C LYS A 260 3.39 -20.19 4.39
N LYS A 261 3.45 -19.13 3.60
N LYS A 261 3.45 -19.13 3.58
CA LYS A 261 4.73 -18.65 3.10
CA LYS A 261 4.75 -18.66 3.10
C LYS A 261 5.63 -18.18 4.24
C LYS A 261 5.62 -18.22 4.26
N PHE A 262 5.04 -17.50 5.23
CA PHE A 262 5.81 -17.02 6.37
C PHE A 262 6.36 -18.18 7.19
N ASP A 263 5.52 -19.18 7.48
CA ASP A 263 5.96 -20.33 8.25
C ASP A 263 7.07 -21.08 7.53
N ALA A 264 6.95 -21.21 6.19
CA ALA A 264 8.00 -21.90 5.44
C ALA A 264 9.30 -21.11 5.49
N GLN A 265 9.22 -19.78 5.34
CA GLN A 265 10.41 -18.95 5.41
C GLN A 265 11.05 -19.01 6.80
N LEU A 266 10.22 -19.04 7.85
CA LEU A 266 10.74 -19.16 9.20
C LEU A 266 11.51 -20.46 9.38
N ALA A 267 10.97 -21.57 8.87
CA ALA A 267 11.67 -22.84 8.97
C ALA A 267 12.97 -22.82 8.17
N ARG A 268 12.96 -22.18 6.99
CA ARG A 268 14.19 -22.09 6.20
C ARG A 268 15.24 -21.25 6.93
N GLU A 269 14.82 -20.21 7.64
CA GLU A 269 15.76 -19.39 8.39
C GLU A 269 16.41 -20.19 9.51
N THR A 270 15.60 -21.00 10.22
CA THR A 270 16.15 -21.93 11.20
C THR A 270 17.11 -22.91 10.54
N ALA A 271 16.83 -23.30 9.31
CA ALA A 271 17.68 -24.18 8.52
C ALA A 271 18.80 -23.44 7.79
N GLY A 272 19.00 -22.15 8.09
CA GLY A 272 20.18 -21.44 7.63
C GLY A 272 20.11 -20.84 6.25
N THR A 273 18.94 -20.76 5.62
CA THR A 273 18.82 -20.22 4.28
C THR A 273 17.74 -19.14 4.22
N ARG A 274 17.77 -18.36 3.15
CA ARG A 274 16.72 -17.36 2.93
C ARG A 274 15.52 -18.01 2.24
#